data_1XY4
#
_entry.id   1XY4
#
_cell.length_a   1.000
_cell.length_b   1.000
_cell.length_c   1.000
_cell.angle_alpha   90.00
_cell.angle_beta   90.00
_cell.angle_gamma   90.00
#
_symmetry.space_group_name_H-M   'P 1'
#
_entity_poly.entity_id   1
_entity_poly.type   'polypeptide(L)'
_entity_poly.pdbx_seq_one_letter_code
;YCKEF(DTR)(IAM)TFKSC
;
_entity_poly.pdbx_strand_id   A
#
# COMPACT_ATOMS: atom_id res chain seq x y z
N TYR A 1 1.30 -3.01 9.42
CA TYR A 1 -0.03 -2.68 8.91
C TYR A 1 -0.04 -2.66 7.39
N CYS A 2 -1.11 -2.08 6.85
CA CYS A 2 -1.26 -1.99 5.40
C CYS A 2 -0.48 -0.78 4.91
N LYS A 3 -0.18 -0.77 3.62
CA LYS A 3 0.55 0.32 3.02
C LYS A 3 0.27 0.35 1.51
N GLU A 4 -0.14 1.53 1.04
CA GLU A 4 -0.44 1.70 -0.37
C GLU A 4 0.72 2.41 -1.07
N PHE A 5 1.88 2.37 -0.43
CA PHE A 5 3.06 2.99 -0.98
C PHE A 5 2.71 4.31 -1.68
N DTR A 6 3.51 4.66 -2.66
CA DTR A 6 3.30 5.90 -3.41
CB DTR A 6 3.20 7.02 -2.38
CG DTR A 6 4.16 8.18 -2.64
CD1 DTR A 6 5.49 8.16 -2.71
NE1 DTR A 6 6.00 9.41 -2.95
CE2 DTR A 6 4.94 10.30 -3.04
CZ2 DTR A 6 4.94 11.67 -3.29
CH2 DTR A 6 3.69 12.30 -3.33
CZ3 DTR A 6 2.53 11.55 -3.13
CE3 DTR A 6 2.52 10.17 -2.89
CD2 DTR A 6 3.79 9.56 -2.85
C DTR A 6 2.02 5.72 -4.24
O DTR A 6 2.08 5.59 -5.45
H DTR A 6 4.30 4.13 -2.95
HA DTR A 6 4.16 6.00 -4.06
HB2 DTR A 6 2.19 7.39 -2.35
HB3 DTR A 6 3.41 6.60 -1.38
HD1 DTR A 6 6.10 7.26 -2.59
HE1 DTR A 6 7.07 9.67 -3.06
HZ2 DTR A 6 5.87 12.23 -3.44
HH2 DTR A 6 3.62 13.38 -3.51
HZ3 DTR A 6 1.58 12.06 -3.17
HE3 DTR A 6 1.59 9.61 -2.73
N IAM A 7 0.90 5.75 -3.53
CA IAM A 7 -0.40 5.60 -4.18
CB IAM A 7 -0.76 6.97 -4.77
CG IAM A 7 -1.46 7.90 -3.78
CD1 IAM A 7 -0.99 9.17 -3.59
CE1 IAM A 7 -1.65 10.04 -2.68
CZ IAM A 7 -2.73 9.60 -1.98
CE2 IAM A 7 -3.19 8.34 -2.16
CD2 IAM A 7 -2.54 7.46 -3.09
CT IAM A 7 -3.44 10.54 -0.99
NH IAM A 7 -3.37 9.95 0.37
CI IAM A 7 -2.08 9.44 0.90
CK1 IAM A 7 -2.12 7.90 0.92
CK2 IAM A 7 -1.87 9.96 2.32
C IAM A 7 -0.32 4.58 -5.32
O IAM A 7 -0.76 4.85 -6.44
H IAM A 7 0.86 5.86 -2.55
HA IAM A 7 -1.10 5.26 -3.43
HB IAM A 7 0.15 7.45 -5.12
HB1 IAM A 7 -1.40 6.82 -5.64
HD1 IAM A 7 -0.13 9.52 -4.15
HE1 IAM A 7 -1.27 11.05 -2.53
HE2 IAM A 7 -4.05 7.98 -1.61
HD2 IAM A 7 -2.91 6.45 -3.23
HT1 IAM A 7 -4.45 10.67 -1.28
HT2 IAM A 7 -2.95 11.49 -0.99
HH IAM A 7 -4.22 9.91 0.95
HI IAM A 7 -1.29 9.77 0.26
HK11 IAM A 7 -2.92 7.57 1.54
HK12 IAM A 7 -2.28 7.53 -0.08
HK13 IAM A 7 -1.20 7.52 1.29
HK21 IAM A 7 -1.84 11.03 2.31
HK22 IAM A 7 -2.66 9.64 2.95
HK23 IAM A 7 -0.94 9.59 2.71
N THR A 8 0.22 3.42 -4.99
CA THR A 8 0.36 2.35 -5.97
C THR A 8 -0.15 1.02 -5.39
N PHE A 9 0.63 -0.02 -5.63
CA PHE A 9 0.27 -1.34 -5.13
C PHE A 9 -0.22 -1.27 -3.68
N LYS A 10 -0.76 -2.39 -3.22
CA LYS A 10 -1.27 -2.47 -1.86
C LYS A 10 -0.60 -3.65 -1.14
N SER A 11 -0.21 -3.39 0.10
CA SER A 11 0.43 -4.41 0.91
C SER A 11 -0.35 -4.63 2.20
N CYS A 12 -1.66 -4.54 2.09
CA CYS A 12 -2.53 -4.72 3.25
C CYS A 12 -2.46 -6.18 3.68
N TYR A 1 1.35 -2.65 8.77
CA TYR A 1 -0.07 -2.46 8.53
C TYR A 1 -0.34 -2.15 7.06
N CYS A 2 -1.55 -1.67 6.80
CA CYS A 2 -1.95 -1.35 5.45
C CYS A 2 -1.01 -0.27 4.92
N LYS A 3 -0.53 -0.48 3.71
CA LYS A 3 0.38 0.47 3.08
C LYS A 3 0.24 0.37 1.56
N GLU A 4 -0.28 1.43 0.97
CA GLU A 4 -0.47 1.49 -0.46
C GLU A 4 0.70 2.21 -1.13
N PHE A 5 1.85 2.10 -0.50
CA PHE A 5 3.05 2.75 -1.02
C PHE A 5 2.71 4.09 -1.68
N DTR A 6 3.50 4.43 -2.68
CA DTR A 6 3.30 5.67 -3.40
CB DTR A 6 3.32 6.79 -2.35
CG DTR A 6 4.43 7.82 -2.55
CD1 DTR A 6 5.69 7.60 -2.94
NE1 DTR A 6 6.41 8.77 -3.00
CE2 DTR A 6 5.56 9.81 -2.63
CZ2 DTR A 6 5.82 11.18 -2.53
CH2 DTR A 6 4.75 11.99 -2.12
CZ3 DTR A 6 3.52 11.40 -1.83
CE3 DTR A 6 3.25 10.04 -1.93
CD2 DTR A 6 4.33 9.24 -2.35
C DTR A 6 1.97 5.58 -4.15
O DTR A 6 1.95 5.39 -5.36
H DTR A 6 4.27 3.88 -3.01
HA DTR A 6 4.12 5.76 -4.11
HB2 DTR A 6 2.36 7.31 -2.37
HB3 DTR A 6 3.42 6.35 -1.37
HD1 DTR A 6 6.10 6.62 -3.18
HE1 DTR A 6 7.46 8.88 -3.30
HZ2 DTR A 6 6.80 11.60 -2.77
HH2 DTR A 6 4.88 13.07 -2.03
HZ3 DTR A 6 2.71 12.06 -1.52
HE3 DTR A 6 2.27 9.60 -1.70
N IAM A 7 0.89 5.73 -3.39
CA IAM A 7 -0.44 5.65 -3.96
CB IAM A 7 -0.76 7.04 -4.53
CG IAM A 7 -1.43 7.98 -3.52
CD1 IAM A 7 -2.71 7.78 -3.14
CE1 IAM A 7 -3.32 8.65 -2.20
CZ IAM A 7 -2.62 9.70 -1.69
CE2 IAM A 7 -1.32 9.90 -2.07
CD2 IAM A 7 -0.72 9.03 -3.00
CT IAM A 7 -3.28 10.64 -0.67
NH IAM A 7 -3.86 9.85 0.44
CI IAM A 7 -2.97 9.18 1.42
CK1 IAM A 7 -1.67 10.01 1.57
CK2 IAM A 7 -2.63 7.77 0.91
C IAM A 7 -0.50 4.63 -5.10
O IAM A 7 -1.07 4.91 -6.16
H IAM A 7 0.92 5.88 -2.41
HA IAM A 7 -1.12 5.34 -3.17
HB IAM A 7 0.16 7.50 -4.89
HB1 IAM A 7 -1.43 6.93 -5.39
HD1 IAM A 7 -3.27 6.94 -3.55
HE1 IAM A 7 -4.36 8.49 -1.89
HE2 IAM A 7 -0.76 10.74 -1.65
HD2 IAM A 7 0.32 9.19 -3.31
HT1 IAM A 7 -4.06 11.20 -1.16
HT2 IAM A 7 -2.55 11.32 -0.28
HH IAM A 7 -4.88 9.77 0.53
HI IAM A 7 -3.46 9.12 2.36
HK11 IAM A 7 -1.17 10.07 0.62
HK12 IAM A 7 -1.91 10.99 1.92
HK13 IAM A 7 -1.03 9.52 2.28
HK21 IAM A 7 -3.52 7.21 0.80
HK22 IAM A 7 -2.13 7.84 -0.04
HK23 IAM A 7 -1.98 7.29 1.61
N THR A 8 0.10 3.48 -4.85
CA THR A 8 0.12 2.41 -5.83
C THR A 8 -0.34 1.10 -5.21
N PHE A 9 0.39 0.03 -5.52
CA PHE A 9 0.07 -1.28 -5.01
C PHE A 9 -0.24 -1.22 -3.51
N LYS A 10 -0.71 -2.34 -2.99
CA LYS A 10 -1.06 -2.43 -1.58
C LYS A 10 -0.40 -3.66 -0.97
N SER A 11 -0.03 -3.53 0.30
CA SER A 11 0.61 -4.63 1.01
C SER A 11 0.09 -4.69 2.44
N CYS A 12 -1.21 -4.92 2.56
CA CYS A 12 -1.84 -5.02 3.86
C CYS A 12 -1.44 -6.34 4.50
N TYR A 1 0.77 -3.52 8.85
CA TYR A 1 -0.47 -2.81 8.54
C TYR A 1 -0.75 -2.84 7.03
N CYS A 2 -1.74 -2.07 6.63
CA CYS A 2 -2.12 -2.00 5.23
C CYS A 2 -1.36 -0.84 4.59
N LYS A 3 -0.41 -1.20 3.72
CA LYS A 3 0.39 -0.21 3.03
C LYS A 3 -0.06 -0.11 1.58
N GLU A 4 -0.32 1.11 1.15
CA GLU A 4 -0.77 1.35 -0.22
C GLU A 4 0.36 1.97 -1.04
N PHE A 5 1.56 1.92 -0.47
CA PHE A 5 2.72 2.47 -1.14
C PHE A 5 2.40 3.79 -1.83
N DTR A 6 3.27 4.17 -2.75
CA DTR A 6 3.08 5.40 -3.49
CB DTR A 6 3.03 6.53 -2.46
CG DTR A 6 4.27 7.43 -2.45
CD1 DTR A 6 5.50 7.13 -2.04
NE1 DTR A 6 6.36 8.19 -2.18
CE2 DTR A 6 5.63 9.25 -2.73
CZ2 DTR A 6 6.04 10.54 -3.06
CH2 DTR A 6 5.07 11.39 -3.60
CZ3 DTR A 6 3.76 10.93 -3.77
CE3 DTR A 6 3.34 9.63 -3.44
CD2 DTR A 6 4.34 8.81 -2.90
C DTR A 6 1.79 5.28 -4.31
O DTR A 6 1.83 4.97 -5.50
H DTR A 6 4.09 3.65 -2.99
HA DTR A 6 3.94 5.49 -4.16
HB2 DTR A 6 2.15 7.14 -2.64
HB3 DTR A 6 2.91 6.09 -1.47
HD1 DTR A 6 5.79 6.16 -1.63
HE1 DTR A 6 7.42 8.22 -1.92
HZ2 DTR A 6 7.07 10.87 -2.91
HH2 DTR A 6 5.33 12.41 -3.88
HZ3 DTR A 6 3.03 11.60 -4.19
HE3 DTR A 6 2.31 9.30 -3.58
N IAM A 7 0.67 5.53 -3.63
CA IAM A 7 -0.62 5.43 -4.28
CB IAM A 7 -0.88 6.80 -4.92
CG IAM A 7 -1.55 7.81 -3.99
CD1 IAM A 7 -0.99 9.04 -3.81
CE1 IAM A 7 -1.61 9.98 -2.95
CZ IAM A 7 -2.76 9.66 -2.30
CE2 IAM A 7 -3.33 8.43 -2.47
CD2 IAM A 7 -2.70 7.49 -3.35
CT IAM A 7 -3.43 10.68 -1.36
NH IAM A 7 -2.44 11.16 -0.38
CI IAM A 7 -2.13 10.36 0.82
CK1 IAM A 7 -0.80 10.82 1.42
CK2 IAM A 7 -2.03 8.87 0.43
C IAM A 7 -0.63 4.36 -5.36
O IAM A 7 -1.03 4.62 -6.49
H IAM A 7 0.66 5.78 -2.66
HA IAM A 7 -1.35 5.18 -3.50
HB IAM A 7 0.06 7.22 -5.28
HB1 IAM A 7 -1.52 6.66 -5.80
HD1 IAM A 7 -0.06 9.29 -4.32
HE1 IAM A 7 -1.16 10.97 -2.80
HE2 IAM A 7 -4.26 8.18 -1.96
HD2 IAM A 7 -3.15 6.51 -3.49
HT1 IAM A 7 -4.25 10.21 -0.85
HT2 IAM A 7 -3.79 11.50 -1.94
HH IAM A 7 -1.97 12.07 -0.52
HI IAM A 7 -2.91 10.48 1.54
HK11 IAM A 7 -0.01 10.69 0.70
HK12 IAM A 7 -0.86 11.86 1.70
HK13 IAM A 7 -0.57 10.23 2.29
HK21 IAM A 7 -2.96 8.55 0.01
HK22 IAM A 7 -1.25 8.74 -0.30
HK23 IAM A 7 -1.81 8.29 1.29
N THR A 8 -0.18 3.17 -4.97
CA THR A 8 -0.13 2.06 -5.90
C THR A 8 -0.66 0.79 -5.22
N PHE A 9 -0.13 -0.35 -5.67
CA PHE A 9 -0.54 -1.63 -5.12
C PHE A 9 -0.64 -1.57 -3.60
N LYS A 10 -1.43 -2.48 -3.06
CA LYS A 10 -1.63 -2.54 -1.62
C LYS A 10 -0.96 -3.80 -1.07
N SER A 11 -0.54 -3.71 0.18
CA SER A 11 0.11 -4.84 0.83
C SER A 11 -0.82 -5.46 1.87
N CYS A 12 -0.86 -4.83 3.04
CA CYS A 12 -1.69 -5.31 4.12
C CYS A 12 -1.57 -6.83 4.19
N TYR A 1 1.66 -3.09 8.56
CA TYR A 1 0.23 -2.88 8.44
C TYR A 1 -0.14 -2.53 7.00
N CYS A 2 -1.37 -2.03 6.84
CA CYS A 2 -1.86 -1.66 5.53
C CYS A 2 -0.98 -0.52 5.00
N LYS A 3 -0.47 -0.75 3.79
CA LYS A 3 0.38 0.24 3.16
C LYS A 3 0.08 0.30 1.66
N GLU A 4 -0.51 1.41 1.25
CA GLU A 4 -0.86 1.59 -0.16
C GLU A 4 0.32 2.17 -0.93
N PHE A 5 1.48 2.17 -0.27
CA PHE A 5 2.68 2.69 -0.88
C PHE A 5 2.41 3.98 -1.65
N DTR A 6 3.31 4.31 -2.55
CA DTR A 6 3.17 5.52 -3.35
CB DTR A 6 3.10 6.68 -2.36
CG DTR A 6 4.31 7.61 -2.39
CD1 DTR A 6 5.50 7.45 -1.79
NE1 DTR A 6 6.35 8.50 -2.06
CE2 DTR A 6 5.67 9.39 -2.88
CZ2 DTR A 6 6.10 10.61 -3.43
CH2 DTR A 6 5.18 11.29 -4.23
CZ3 DTR A 6 3.92 10.75 -4.45
CE3 DTR A 6 3.47 9.53 -3.92
CD2 DTR A 6 4.41 8.86 -3.11
C DTR A 6 1.91 5.38 -4.20
O DTR A 6 2.00 5.05 -5.39
H DTR A 6 4.13 3.76 -2.74
HA DTR A 6 4.06 5.57 -3.98
HB2 DTR A 6 2.20 7.26 -2.57
HB3 DTR A 6 2.99 6.29 -1.35
HD1 DTR A 6 5.75 6.60 -1.17
HE1 DTR A 6 7.37 8.62 -1.69
HZ2 DTR A 6 7.10 11.00 -3.24
HH2 DTR A 6 5.45 12.24 -4.69
HZ3 DTR A 6 3.23 11.31 -5.09
HE3 DTR A 6 2.47 9.14 -4.11
N IAM A 7 0.77 5.62 -3.57
CA IAM A 7 -0.49 5.52 -4.26
CB IAM A 7 -0.76 6.89 -4.91
CG IAM A 7 -1.50 7.87 -4.01
CD1 IAM A 7 -2.85 7.76 -3.84
CE1 IAM A 7 -3.55 8.68 -3.01
CZ IAM A 7 -2.86 9.66 -2.37
CE2 IAM A 7 -1.51 9.77 -2.52
CD2 IAM A 7 -0.82 8.85 -3.36
CT IAM A 7 -3.61 10.64 -1.46
NH IAM A 7 -2.73 11.04 -0.33
CI IAM A 7 -2.71 10.26 0.91
CK1 IAM A 7 -1.27 10.12 1.42
CK2 IAM A 7 -3.31 8.87 0.65
C IAM A 7 -0.45 4.45 -5.35
O IAM A 7 -0.76 4.73 -6.52
H IAM A 7 0.71 5.89 -2.61
HA IAM A 7 -1.24 5.25 -3.52
HB IAM A 7 0.19 7.33 -5.20
HB1 IAM A 7 -1.34 6.73 -5.82
HD1 IAM A 7 -3.40 6.97 -4.37
HE1 IAM A 7 -4.63 8.59 -2.88
HE2 IAM A 7 -0.97 10.55 -2.01
HD2 IAM A 7 0.25 8.94 -3.49
HT1 IAM A 7 -4.49 10.17 -1.06
HT2 IAM A 7 -3.89 11.52 -2.02
HH IAM A 7 -2.12 11.87 -0.43
HI IAM A 7 -3.31 10.76 1.66
HK11 IAM A 7 -0.68 9.62 0.68
HK12 IAM A 7 -0.87 11.09 1.60
HK13 IAM A 7 -1.26 9.55 2.32
HK21 IAM A 7 -4.31 8.96 0.30
HK22 IAM A 7 -2.72 8.36 -0.09
HK23 IAM A 7 -3.31 8.29 1.56
N THR A 8 -0.06 3.25 -4.94
CA THR A 8 0.03 2.14 -5.88
C THR A 8 -0.63 0.90 -5.28
N PHE A 9 -0.01 -0.25 -5.55
CA PHE A 9 -0.52 -1.52 -5.05
C PHE A 9 -0.76 -1.45 -3.54
N LYS A 10 -1.35 -2.52 -3.02
CA LYS A 10 -1.64 -2.59 -1.61
C LYS A 10 -0.94 -3.81 -1.01
N SER A 11 -0.38 -3.61 0.18
CA SER A 11 0.33 -4.68 0.86
C SER A 11 -0.14 -4.77 2.31
N CYS A 12 -1.39 -5.16 2.48
CA CYS A 12 -1.97 -5.29 3.82
C CYS A 12 -1.52 -6.63 4.41
N TYR A 1 0.94 -3.88 8.31
CA TYR A 1 -0.35 -3.25 8.11
C TYR A 1 -0.66 -3.09 6.63
N CYS A 2 -1.68 -2.28 6.35
CA CYS A 2 -2.08 -2.04 4.98
C CYS A 2 -1.23 -0.90 4.43
N LYS A 3 -0.18 -1.28 3.70
CA LYS A 3 0.72 -0.30 3.11
C LYS A 3 0.36 -0.11 1.65
N GLU A 4 -0.27 1.03 1.37
CA GLU A 4 -0.67 1.34 0.00
C GLU A 4 0.48 2.00 -0.75
N PHE A 5 1.64 1.99 -0.12
CA PHE A 5 2.83 2.58 -0.72
C PHE A 5 2.49 3.88 -1.43
N DTR A 6 3.32 4.23 -2.40
CA DTR A 6 3.12 5.44 -3.17
CB DTR A 6 3.09 6.59 -2.16
CG DTR A 6 4.23 7.60 -2.32
CD1 DTR A 6 5.52 7.44 -2.00
NE1 DTR A 6 6.25 8.57 -2.29
CE2 DTR A 6 5.38 9.51 -2.83
CZ2 DTR A 6 5.64 10.81 -3.28
CH2 DTR A 6 4.54 11.53 -3.76
CZ3 DTR A 6 3.29 10.93 -3.78
CE3 DTR A 6 3.01 9.64 -3.34
CD2 DTR A 6 4.13 8.93 -2.85
C DTR A 6 1.82 5.30 -3.96
O DTR A 6 1.83 5.04 -5.16
H DTR A 6 4.12 3.69 -2.68
HA DTR A 6 3.96 5.52 -3.86
HB2 DTR A 6 2.14 7.12 -2.24
HB3 DTR A 6 3.12 6.17 -1.15
HD1 DTR A 6 5.94 6.53 -1.57
HE1 DTR A 6 7.32 8.70 -2.13
HZ2 DTR A 6 6.64 11.24 -3.24
HH2 DTR A 6 4.67 12.54 -4.13
HZ3 DTR A 6 2.46 11.52 -4.18
HE3 DTR A 6 2.01 9.20 -3.38
N IAM A 7 0.71 5.47 -3.25
CA IAM A 7 -0.60 5.35 -3.85
CB IAM A 7 -0.95 6.73 -4.43
CG IAM A 7 -1.72 7.64 -3.47
CD1 IAM A 7 -1.37 7.69 -2.15
CE1 IAM A 7 -2.09 8.54 -1.26
CZ IAM A 7 -3.13 9.27 -1.72
CE2 IAM A 7 -3.48 9.21 -3.03
CD2 IAM A 7 -2.76 8.37 -3.93
CT IAM A 7 -3.92 10.18 -0.76
NH IAM A 7 -3.07 11.32 -0.37
CI IAM A 7 -2.38 12.12 -1.41
CK1 IAM A 7 -0.91 11.69 -1.50
CK2 IAM A 7 -2.46 13.62 -1.05
C IAM A 7 -0.60 4.33 -4.99
O IAM A 7 -0.98 4.64 -6.11
H IAM A 7 0.71 5.67 -2.26
HA IAM A 7 -1.29 5.04 -3.07
HB IAM A 7 -0.01 7.23 -4.72
HB1 IAM A 7 -1.52 6.60 -5.34
HD1 IAM A 7 -0.53 7.10 -1.79
HE1 IAM A 7 -1.81 8.58 -0.21
HE2 IAM A 7 -4.32 9.81 -3.40
HD2 IAM A 7 -3.05 8.32 -4.98
HT1 IAM A 7 -4.18 9.62 0.12
HT2 IAM A 7 -4.80 10.54 -1.24
HH IAM A 7 -2.96 11.58 0.63
HI IAM A 7 -2.86 11.96 -2.36
HK11 IAM A 7 -0.43 11.85 -0.55
HK12 IAM A 7 -0.86 10.65 -1.75
HK13 IAM A 7 -0.41 12.26 -2.25
HK21 IAM A 7 -3.48 13.92 -0.99
HK22 IAM A 7 -1.98 13.78 -0.10
HK23 IAM A 7 -1.96 14.19 -1.80
N THR A 8 -0.15 3.13 -4.65
CA THR A 8 -0.08 2.06 -5.62
C THR A 8 -0.72 0.78 -5.06
N PHE A 9 -0.05 -0.33 -5.30
CA PHE A 9 -0.53 -1.62 -4.82
C PHE A 9 -0.66 -1.63 -3.30
N LYS A 10 -1.44 -2.57 -2.80
CA LYS A 10 -1.65 -2.70 -1.38
C LYS A 10 -0.94 -3.95 -0.87
N SER A 11 -0.28 -3.81 0.28
CA SER A 11 0.43 -4.92 0.86
C SER A 11 -0.11 -5.20 2.27
N CYS A 12 -1.43 -5.14 2.38
CA CYS A 12 -2.08 -5.39 3.66
C CYS A 12 -2.14 -6.90 3.89
N TYR A 1 1.97 -2.98 8.59
CA TYR A 1 0.53 -2.82 8.49
C TYR A 1 0.10 -2.51 7.06
N CYS A 2 -1.14 -2.05 6.93
CA CYS A 2 -1.68 -1.71 5.63
C CYS A 2 -0.84 -0.57 5.05
N LYS A 3 -0.49 -0.72 3.77
CA LYS A 3 0.30 0.29 3.10
C LYS A 3 0.05 0.19 1.59
N GLU A 4 -0.60 1.22 1.06
CA GLU A 4 -0.90 1.26 -0.36
C GLU A 4 0.24 1.93 -1.13
N PHE A 5 1.39 1.96 -0.49
CA PHE A 5 2.57 2.58 -1.09
C PHE A 5 2.19 3.85 -1.85
N DTR A 6 3.08 4.26 -2.75
CA DTR A 6 2.86 5.45 -3.53
CB DTR A 6 2.80 6.62 -2.54
CG DTR A 6 4.17 7.12 -2.09
CD1 DTR A 6 5.35 6.96 -2.69
NE1 DTR A 6 6.38 7.55 -1.99
CE2 DTR A 6 5.81 8.14 -0.85
CZ2 DTR A 6 6.43 8.85 0.17
CH2 DTR A 6 5.60 9.33 1.18
CZ3 DTR A 6 4.23 9.07 1.13
CE3 DTR A 6 3.60 8.35 0.11
CD2 DTR A 6 4.45 7.89 -0.89
C DTR A 6 1.56 5.27 -4.32
O DTR A 6 1.58 4.88 -5.48
H DTR A 6 3.94 3.78 -2.94
HA DTR A 6 3.70 5.54 -4.21
HB2 DTR A 6 2.25 7.44 -2.99
HB3 DTR A 6 2.23 6.31 -1.66
HD1 DTR A 6 5.49 6.41 -3.63
HE1 DTR A 6 7.43 7.55 -2.26
HZ2 DTR A 6 7.50 9.04 0.18
HH2 DTR A 6 6.01 9.90 2.02
HZ3 DTR A 6 3.61 9.46 1.95
HE3 DTR A 6 2.52 8.17 0.11
N IAM A 7 0.45 5.56 -3.65
CA IAM A 7 -0.86 5.43 -4.26
CB IAM A 7 -1.20 6.79 -4.89
CG IAM A 7 -1.93 7.74 -3.93
CD1 IAM A 7 -1.40 8.03 -2.72
CE1 IAM A 7 -2.08 8.92 -1.83
CZ IAM A 7 -3.27 9.47 -2.21
CE2 IAM A 7 -3.79 9.17 -3.43
CD2 IAM A 7 -3.12 8.29 -4.31
CT IAM A 7 -4.00 10.43 -1.26
NH IAM A 7 -3.09 11.53 -0.87
CI IAM A 7 -2.42 12.32 -1.93
CK1 IAM A 7 -0.93 11.94 -1.99
CK2 IAM A 7 -2.54 13.83 -1.59
C IAM A 7 -0.84 4.38 -5.37
O IAM A 7 -1.22 4.65 -6.50
H IAM A 7 0.44 5.88 -2.70
HA IAM A 7 -1.56 5.13 -3.48
HB IAM A 7 -0.28 7.27 -5.22
HB1 IAM A 7 -1.81 6.64 -5.77
HD1 IAM A 7 -0.45 7.59 -2.42
HE1 IAM A 7 -1.65 9.15 -0.86
HE2 IAM A 7 -4.74 9.62 -3.73
HD2 IAM A 7 -3.54 8.06 -5.28
HT1 IAM A 7 -4.30 9.89 -0.38
HT2 IAM A 7 -4.86 10.82 -1.75
HH IAM A 7 -2.93 11.75 0.12
HI IAM A 7 -2.87 12.13 -2.87
HK11 IAM A 7 -0.47 12.13 -1.03
HK12 IAM A 7 -0.84 10.90 -2.21
HK13 IAM A 7 -0.44 12.51 -2.74
HK21 IAM A 7 -3.58 14.09 -1.55
HK22 IAM A 7 -2.09 14.02 -0.64
HK23 IAM A 7 -2.05 14.40 -2.34
N THR A 8 -0.40 3.19 -4.99
CA THR A 8 -0.32 2.08 -5.93
C THR A 8 -0.90 0.81 -5.31
N PHE A 9 -0.22 -0.30 -5.58
CA PHE A 9 -0.65 -1.59 -5.05
C PHE A 9 -0.70 -1.57 -3.53
N LYS A 10 -1.41 -2.53 -2.98
CA LYS A 10 -1.55 -2.63 -1.53
C LYS A 10 -0.78 -3.86 -1.04
N SER A 11 -0.32 -3.76 0.20
CA SER A 11 0.43 -4.85 0.80
C SER A 11 0.16 -4.90 2.31
N CYS A 12 -1.06 -5.26 2.64
CA CYS A 12 -1.45 -5.36 4.04
C CYS A 12 -0.86 -6.63 4.63
N TYR A 1 1.15 -1.90 9.89
CA TYR A 1 -0.12 -1.66 9.22
C TYR A 1 -0.01 -1.90 7.72
N CYS A 2 -1.00 -1.42 6.99
CA CYS A 2 -1.02 -1.59 5.54
C CYS A 2 -0.37 -0.35 4.91
N LYS A 3 -0.07 -0.48 3.63
CA LYS A 3 0.56 0.60 2.90
C LYS A 3 0.13 0.53 1.43
N GLU A 4 -0.15 1.70 0.87
CA GLU A 4 -0.57 1.79 -0.52
C GLU A 4 0.57 2.32 -1.38
N PHE A 5 1.76 2.33 -0.80
CA PHE A 5 2.94 2.80 -1.50
C PHE A 5 2.65 4.10 -2.26
N DTR A 6 3.40 4.32 -3.32
CA DTR A 6 3.23 5.52 -4.13
CB DTR A 6 3.31 6.71 -3.16
CG DTR A 6 4.13 6.43 -1.89
CD1 DTR A 6 5.41 6.05 -1.80
NE1 DTR A 6 5.80 5.89 -0.50
CE2 DTR A 6 4.70 6.19 0.31
CZ2 DTR A 6 4.59 6.17 1.70
CH2 DTR A 6 3.34 6.52 2.23
CZ3 DTR A 6 2.30 6.85 1.37
CE3 DTR A 6 2.40 6.87 -0.03
CD2 DTR A 6 3.66 6.52 -0.53
C DTR A 6 1.89 5.41 -4.84
O DTR A 6 1.84 5.27 -6.05
H DTR A 6 4.12 3.71 -3.63
HA DTR A 6 4.04 5.52 -4.85
HB2 DTR A 6 3.75 7.56 -3.68
HB3 DTR A 6 2.30 6.98 -2.87
HD1 DTR A 6 6.06 5.89 -2.66
HE1 DTR A 6 6.79 5.60 -0.14
HZ2 DTR A 6 5.42 5.91 2.35
HH2 DTR A 6 3.18 6.53 3.31
HZ3 DTR A 6 1.34 7.11 1.82
HE3 DTR A 6 1.55 7.13 -0.67
N IAM A 7 0.82 5.50 -4.06
CA IAM A 7 -0.52 5.41 -4.60
CB IAM A 7 -0.83 6.77 -5.23
CG IAM A 7 -1.45 7.78 -4.26
CD1 IAM A 7 -2.73 7.60 -3.81
CE1 IAM A 7 -3.29 8.53 -2.92
CZ IAM A 7 -2.58 9.61 -2.50
CE2 IAM A 7 -1.30 9.79 -2.96
CD2 IAM A 7 -0.73 8.85 -3.86
CT IAM A 7 -3.19 10.63 -1.53
NH IAM A 7 -3.43 9.97 -0.23
CI IAM A 7 -2.35 9.19 0.42
CK1 IAM A 7 -2.91 8.51 1.69
CK2 IAM A 7 -1.20 10.14 0.80
C IAM A 7 -0.61 4.33 -5.67
O IAM A 7 -1.09 4.58 -6.78
H IAM A 7 0.87 5.61 -3.06
HA IAM A 7 -1.19 5.16 -3.78
HB IAM A 7 0.09 7.18 -5.64
HB1 IAM A 7 -1.51 6.62 -6.07
HD1 IAM A 7 -3.30 6.73 -4.14
HE1 IAM A 7 -4.31 8.39 -2.55
HE2 IAM A 7 -0.73 10.66 -2.62
HD2 IAM A 7 0.29 9.00 -4.22
HT1 IAM A 7 -4.12 10.99 -1.93
HT2 IAM A 7 -2.52 11.45 -1.40
HH IAM A 7 -4.36 10.06 0.23
HI IAM A 7 -2.00 8.44 -0.26
HK11 IAM A 7 -3.27 9.26 2.36
HK12 IAM A 7 -3.71 7.86 1.42
HK13 IAM A 7 -2.13 7.95 2.16
HK21 IAM A 7 -0.83 10.60 -0.07
HK22 IAM A 7 -1.56 10.88 1.48
HK23 IAM A 7 -0.43 9.57 1.27
N THR A 8 -0.14 3.14 -5.32
CA THR A 8 -0.16 2.01 -6.23
C THR A 8 -0.78 0.79 -5.57
N PHE A 9 -0.18 -0.36 -5.82
CA PHE A 9 -0.66 -1.61 -5.26
C PHE A 9 -0.69 -1.54 -3.73
N LYS A 10 -1.56 -2.34 -3.15
CA LYS A 10 -1.71 -2.38 -1.70
C LYS A 10 -1.02 -3.64 -1.17
N SER A 11 -0.36 -3.46 -0.02
CA SER A 11 0.34 -4.57 0.60
C SER A 11 -0.51 -5.16 1.74
N CYS A 12 -0.86 -4.30 2.68
CA CYS A 12 -1.67 -4.72 3.81
C CYS A 12 -1.17 -6.08 4.28
N TYR A 1 1.60 -2.96 8.49
CA TYR A 1 0.16 -2.71 8.43
C TYR A 1 -0.26 -2.37 7.00
N CYS A 2 -1.47 -1.84 6.89
CA CYS A 2 -2.02 -1.47 5.60
C CYS A 2 -1.17 -0.33 5.03
N LYS A 3 -0.74 -0.53 3.79
CA LYS A 3 0.08 0.47 3.12
C LYS A 3 -0.09 0.33 1.61
N GLU A 4 -0.70 1.35 1.02
CA GLU A 4 -0.94 1.35 -0.42
C GLU A 4 0.26 1.98 -1.15
N PHE A 5 1.37 2.06 -0.43
CA PHE A 5 2.58 2.63 -1.00
C PHE A 5 2.27 3.91 -1.78
N DTR A 6 3.19 4.26 -2.67
CA DTR A 6 3.03 5.45 -3.48
CB DTR A 6 2.93 6.64 -2.51
CG DTR A 6 4.19 7.48 -2.43
CD1 DTR A 6 5.47 7.06 -2.41
NE1 DTR A 6 6.35 8.12 -2.33
CE2 DTR A 6 5.59 9.29 -2.30
CZ2 DTR A 6 6.02 10.62 -2.23
CH2 DTR A 6 5.01 11.60 -2.22
CZ3 DTR A 6 3.68 11.20 -2.28
CE3 DTR A 6 3.24 9.88 -2.35
CD2 DTR A 6 4.27 8.93 -2.37
C DTR A 6 1.76 5.27 -4.34
O DTR A 6 1.86 4.87 -5.49
H DTR A 6 4.03 3.75 -2.83
HA DTR A 6 3.91 5.51 -4.12
HB2 DTR A 6 2.09 7.26 -2.81
HB3 DTR A 6 2.70 6.25 -1.52
HD1 DTR A 6 5.77 6.02 -2.45
HE1 DTR A 6 7.44 8.06 -2.30
HZ2 DTR A 6 7.07 10.89 -2.19
HH2 DTR A 6 5.27 12.66 -2.17
HZ3 DTR A 6 2.92 11.99 -2.27
HE3 DTR A 6 2.18 9.61 -2.41
N IAM A 7 0.63 5.58 -3.74
CA IAM A 7 -0.64 5.45 -4.42
CB IAM A 7 -0.91 6.80 -5.10
CG IAM A 7 -1.44 7.88 -4.15
CD1 IAM A 7 -0.72 9.01 -3.95
CE1 IAM A 7 -1.21 10.01 -3.07
CZ IAM A 7 -2.40 9.84 -2.43
CE2 IAM A 7 -3.12 8.70 -2.64
CD2 IAM A 7 -2.63 7.70 -3.52
CT IAM A 7 -2.93 10.92 -1.48
NH IAM A 7 -2.96 10.39 -0.10
CI IAM A 7 -1.70 10.19 0.65
CK1 IAM A 7 -1.33 8.70 0.65
CK2 IAM A 7 -1.87 10.68 2.09
C IAM A 7 -0.58 4.36 -5.49
O IAM A 7 -0.89 4.60 -6.65
H IAM A 7 0.57 5.90 -2.79
HA IAM A 7 -1.39 5.18 -3.68
HB IAM A 7 0.01 7.15 -5.56
HB1 IAM A 7 -1.63 6.65 -5.90
HD1 IAM A 7 0.23 9.15 -4.46
HE1 IAM A 7 -0.63 10.92 -2.90
HE2 IAM A 7 -4.07 8.56 -2.13
HD2 IAM A 7 -3.21 6.79 -3.68
HT1 IAM A 7 -3.92 11.21 -1.78
HT2 IAM A 7 -2.29 11.78 -1.51
HH IAM A 7 -3.86 10.16 0.34
HI IAM A 7 -0.91 10.75 0.17
HK11 IAM A 7 -2.12 8.14 1.12
HK12 IAM A 7 -1.22 8.36 -0.36
HK13 IAM A 7 -0.42 8.55 1.19
HK21 IAM A 7 -2.12 11.72 2.09
HK22 IAM A 7 -2.65 10.12 2.57
HK23 IAM A 7 -0.96 10.53 2.64
N THR A 8 -0.18 3.17 -5.05
CA THR A 8 -0.07 2.04 -5.96
C THR A 8 -0.69 0.80 -5.33
N PHE A 9 -0.03 -0.34 -5.56
CA PHE A 9 -0.49 -1.60 -5.01
C PHE A 9 -0.70 -1.51 -3.50
N LYS A 10 -1.21 -2.59 -2.94
CA LYS A 10 -1.45 -2.65 -1.51
C LYS A 10 -0.71 -3.84 -0.91
N SER A 11 -0.28 -3.68 0.33
CA SER A 11 0.44 -4.74 1.02
C SER A 11 -0.04 -4.84 2.47
N CYS A 12 -1.35 -4.97 2.61
CA CYS A 12 -1.95 -5.08 3.93
C CYS A 12 -1.56 -6.43 4.52
N TYR A 1 2.20 -2.52 8.43
CA TYR A 1 0.75 -2.49 8.42
C TYR A 1 0.22 -2.17 7.02
N CYS A 2 -1.06 -1.82 6.97
CA CYS A 2 -1.69 -1.49 5.71
C CYS A 2 -0.93 -0.31 5.09
N LYS A 3 -0.58 -0.48 3.82
CA LYS A 3 0.15 0.56 3.11
C LYS A 3 -0.13 0.43 1.61
N GLU A 4 -0.50 1.55 1.01
CA GLU A 4 -0.82 1.58 -0.41
C GLU A 4 0.35 2.20 -1.19
N PHE A 5 1.50 2.25 -0.53
CA PHE A 5 2.69 2.82 -1.14
C PHE A 5 2.36 4.11 -1.89
N DTR A 6 3.16 4.39 -2.90
CA DTR A 6 2.98 5.59 -3.69
CB DTR A 6 2.96 6.76 -2.70
CG DTR A 6 3.71 6.48 -1.41
CD1 DTR A 6 5.01 6.21 -1.24
NE1 DTR A 6 5.33 6.01 0.08
CE2 DTR A 6 4.16 6.17 0.82
CZ2 DTR A 6 3.95 6.08 2.20
CH2 DTR A 6 2.65 6.29 2.66
CZ3 DTR A 6 1.65 6.59 1.74
CE3 DTR A 6 1.83 6.69 0.35
CD2 DTR A 6 3.15 6.47 -0.07
C DTR A 6 1.66 5.45 -4.46
O DTR A 6 1.66 5.30 -5.69
H DTR A 6 3.93 3.81 -3.18
HA DTR A 6 3.81 5.64 -4.39
HB2 DTR A 6 3.40 7.64 -3.19
HB3 DTR A 6 1.93 7.02 -2.47
HD1 DTR A 6 5.74 6.15 -2.06
HE1 DTR A 6 6.31 5.78 0.49
HZ2 DTR A 6 4.77 5.84 2.89
HH2 DTR A 6 2.42 6.24 3.72
HZ3 DTR A 6 0.64 6.75 2.13
HE3 DTR A 6 1.02 6.92 -0.33
N IAM A 7 0.57 5.49 -3.71
CA IAM A 7 -0.76 5.36 -4.31
CB IAM A 7 -1.08 6.71 -4.96
CG IAM A 7 -1.70 7.73 -4.00
CD1 IAM A 7 -1.13 7.96 -2.79
CE1 IAM A 7 -1.70 8.90 -1.89
CZ IAM A 7 -2.82 9.58 -2.25
CE2 IAM A 7 -3.39 9.36 -3.47
CD2 IAM A 7 -2.82 8.41 -4.36
CT IAM A 7 -3.43 10.61 -1.28
NH IAM A 7 -2.43 11.67 -0.99
CI IAM A 7 -1.49 12.10 -2.05
CK1 IAM A 7 -0.06 11.70 -1.65
CK2 IAM A 7 -1.57 13.63 -2.20
C IAM A 7 -0.76 4.27 -5.39
O IAM A 7 -1.24 4.50 -6.50
H IAM A 7 0.57 5.60 -2.73
HA IAM A 7 -1.45 5.09 -3.51
HB IAM A 7 -0.17 7.13 -5.38
HB1 IAM A 7 -1.77 6.55 -5.79
HD1 IAM A 7 -0.23 7.40 -2.50
HE1 IAM A 7 -1.23 9.08 -0.93
HE2 IAM A 7 -4.27 9.91 -3.76
HD2 IAM A 7 -3.27 8.24 -5.33
HT1 IAM A 7 -3.71 10.12 -0.38
HT2 IAM A 7 -4.30 11.05 -1.74
HH IAM A 7 -2.40 12.10 -0.06
HI IAM A 7 -1.75 11.64 -2.98
HK11 IAM A 7 0.20 12.17 -0.72
HK12 IAM A 7 -0.01 10.64 -1.53
HK13 IAM A 7 0.63 12.01 -2.41
HK21 IAM A 7 -2.56 13.92 -2.48
HK22 IAM A 7 -1.31 14.10 -1.27
HK23 IAM A 7 -0.89 13.95 -2.96
N THR A 8 -0.24 3.11 -5.02
CA THR A 8 -0.19 1.99 -5.94
C THR A 8 -0.73 0.73 -5.27
N PHE A 9 -0.07 -0.38 -5.55
CA PHE A 9 -0.47 -1.66 -4.98
C PHE A 9 -0.52 -1.59 -3.46
N LYS A 10 -1.37 -2.42 -2.89
CA LYS A 10 -1.51 -2.48 -1.44
C LYS A 10 -0.75 -3.69 -0.90
N SER A 11 -0.21 -3.52 0.30
CA SER A 11 0.55 -4.60 0.93
C SER A 11 0.11 -4.75 2.40
N CYS A 12 -1.19 -4.91 2.57
CA CYS A 12 -1.75 -5.07 3.91
C CYS A 12 -1.32 -6.43 4.45
N TYR A 1 -1.08 -2.87 9.35
CA TYR A 1 -1.15 -1.55 8.75
C TYR A 1 -1.57 -1.64 7.28
N CYS A 2 -1.38 -0.53 6.58
CA CYS A 2 -1.73 -0.47 5.16
C CYS A 2 -0.73 0.44 4.45
N LYS A 3 -0.06 -0.12 3.47
CA LYS A 3 0.92 0.63 2.71
C LYS A 3 0.55 0.59 1.23
N GLU A 4 -0.11 1.65 0.77
CA GLU A 4 -0.52 1.74 -0.61
C GLU A 4 0.55 2.46 -1.44
N PHE A 5 1.73 2.56 -0.85
CA PHE A 5 2.84 3.23 -1.52
C PHE A 5 2.35 4.43 -2.32
N DTR A 6 3.15 4.81 -3.30
CA DTR A 6 2.83 5.94 -4.15
CB DTR A 6 2.76 7.17 -3.24
CG DTR A 6 4.12 7.69 -2.79
CD1 DTR A 6 5.29 7.63 -3.45
NE1 DTR A 6 6.30 8.21 -2.72
CE2 DTR A 6 5.75 8.67 -1.54
CZ2 DTR A 6 6.38 9.34 -0.47
CH2 DTR A 6 5.57 9.69 0.61
CZ3 DTR A 6 4.21 9.38 0.58
CE3 DTR A 6 3.58 8.71 -0.48
CD2 DTR A 6 4.42 8.37 -1.56
C DTR A 6 1.50 5.64 -4.84
O DTR A 6 1.48 5.22 -6.01
H DTR A 6 4.03 4.36 -3.52
HA DTR A 6 3.63 6.02 -4.89
HB2 DTR A 6 2.22 7.96 -3.75
HB3 DTR A 6 2.17 6.92 -2.35
HD1 DTR A 6 5.41 7.17 -4.43
HE1 DTR A 6 7.35 8.29 -3.04
HZ2 DTR A 6 7.45 9.57 -0.49
HH2 DTR A 6 5.99 10.22 1.47
HZ3 DTR A 6 3.61 9.67 1.43
HE3 DTR A 6 2.51 8.48 -0.47
N IAM A 7 0.42 5.84 -4.11
CA IAM A 7 -0.91 5.60 -4.64
CB IAM A 7 -1.37 6.88 -5.34
CG IAM A 7 -1.96 7.92 -4.39
CD1 IAM A 7 -1.20 8.93 -3.92
CE1 IAM A 7 -1.76 9.90 -3.04
CZ IAM A 7 -3.07 9.81 -2.67
CE2 IAM A 7 -3.84 8.79 -3.16
CD2 IAM A 7 -3.28 7.82 -4.04
CT IAM A 7 -3.68 10.86 -1.73
NH IAM A 7 -4.34 10.17 -0.60
CI IAM A 7 -3.52 9.39 0.37
CK1 IAM A 7 -2.42 10.29 0.94
CK2 IAM A 7 -2.89 8.19 -0.34
C IAM A 7 -0.88 4.46 -5.66
O IAM A 7 -1.37 4.61 -6.78
H IAM A 7 0.44 6.19 -3.17
HA IAM A 7 -1.55 5.31 -3.80
HB IAM A 7 -0.51 7.33 -5.85
HB1 IAM A 7 -2.09 6.63 -6.10
HD1 IAM A 7 -0.16 9.01 -4.21
HE1 IAM A 7 -1.15 10.72 -2.66
HE2 IAM A 7 -4.89 8.73 -2.87
HD2 IAM A 7 -3.90 7.01 -4.42
HT1 IAM A 7 -4.40 11.44 -2.26
HT2 IAM A 7 -2.91 11.50 -1.36
HH IAM A 7 -5.36 10.22 -0.48
HI IAM A 7 -4.15 9.05 1.17
HK11 IAM A 7 -1.78 10.64 0.15
HK12 IAM A 7 -2.86 11.13 1.44
HK13 IAM A 7 -1.83 9.73 1.64
HK21 IAM A 7 -3.67 7.56 -0.75
HK22 IAM A 7 -2.26 8.52 -1.14
HK23 IAM A 7 -2.31 7.63 0.35
N THR A 8 -0.32 3.33 -5.25
CA THR A 8 -0.23 2.17 -6.11
C THR A 8 -0.57 0.90 -5.33
N PHE A 9 0.22 -0.14 -5.59
CA PHE A 9 0.01 -1.42 -4.92
C PHE A 9 -0.24 -1.22 -3.42
N LYS A 10 -0.66 -2.30 -2.78
CA LYS A 10 -0.94 -2.26 -1.36
C LYS A 10 -0.11 -3.33 -0.64
N SER A 11 0.24 -3.03 0.60
CA SER A 11 1.03 -3.96 1.40
C SER A 11 0.55 -3.93 2.85
N CYS A 12 -0.75 -4.15 3.02
CA CYS A 12 -1.34 -4.15 4.35
C CYS A 12 -0.97 -5.47 5.02
#